data_3LCN
#
_entry.id   3LCN
#
_cell.length_a   55.833
_cell.length_b   121.762
_cell.length_c   37.376
_cell.angle_alpha   90.00
_cell.angle_beta   90.00
_cell.angle_gamma   90.00
#
_symmetry.space_group_name_H-M   'P 21 21 2'
#
loop_
_entity.id
_entity.type
_entity.pdbx_description
1 polymer 'Nuclear polyadenylated RNA-binding protein NAB2'
2 polymer 'mRNA transport factor GFD1'
3 non-polymer 'ZINC ION'
4 water water
#
loop_
_entity_poly.entity_id
_entity_poly.type
_entity_poly.pdbx_seq_one_letter_code
_entity_poly.pdbx_strand_id
1 'polypeptide(L)'
;MSQEQYTENLKVIVAEKLAGIPNFNEDIKYVAEYIVLLIVNGGTVESVVDELASLFDSVSRDTLANVVQTAFFALEALQQ
GESAENIVSKIRMMNAQSLGQSDIA
;
A,B
2 'polypeptide(L)' KQDTASKMKLLKKKIEEQREILQKTHHKN C,D
#
# COMPACT_ATOMS: atom_id res chain seq x y z
N GLN A 5 10.15 10.87 -16.37
CA GLN A 5 10.41 9.84 -15.38
C GLN A 5 10.42 10.47 -13.99
N TYR A 6 10.02 9.69 -13.01
CA TYR A 6 9.85 10.18 -11.66
C TYR A 6 10.85 9.56 -10.68
N THR A 7 11.66 8.64 -11.18
CA THR A 7 12.55 7.83 -10.36
C THR A 7 13.55 8.66 -9.54
N GLU A 8 14.21 9.62 -10.18
CA GLU A 8 15.17 10.47 -9.46
C GLU A 8 14.49 11.28 -8.37
N ASN A 9 13.35 11.90 -8.69
CA ASN A 9 12.59 12.65 -7.70
C ASN A 9 12.13 11.75 -6.55
N LEU A 10 11.68 10.55 -6.85
CA LEU A 10 11.16 9.67 -5.80
C LEU A 10 12.28 9.30 -4.82
N LYS A 11 13.47 9.07 -5.34
CA LYS A 11 14.63 8.78 -4.50
C LYS A 11 14.94 9.89 -3.48
N VAL A 12 14.88 11.13 -3.91
CA VAL A 12 15.05 12.28 -3.04
C VAL A 12 13.93 12.35 -2.00
N ILE A 13 12.70 12.12 -2.45
CA ILE A 13 11.56 12.13 -1.53
C ILE A 13 11.65 11.02 -0.46
N VAL A 14 12.05 9.82 -0.87
CA VAL A 14 12.15 8.72 0.07
C VAL A 14 13.29 8.98 1.06
N ALA A 15 14.38 9.58 0.59
CA ALA A 15 15.51 9.86 1.47
C ALA A 15 15.14 10.89 2.54
N GLU A 16 14.28 11.85 2.19
CA GLU A 16 13.79 12.81 3.18
C GLU A 16 12.93 12.12 4.23
N LYS A 17 12.08 11.20 3.79
CA LYS A 17 11.24 10.45 4.70
C LYS A 17 12.11 9.64 5.67
N LEU A 18 13.12 8.95 5.14
CA LEU A 18 14.00 8.11 5.96
C LEU A 18 14.78 8.93 6.98
N ALA A 19 15.03 10.19 6.65
CA ALA A 19 15.82 11.06 7.52
C ALA A 19 15.08 11.37 8.81
N GLY A 20 13.78 11.12 8.81
CA GLY A 20 12.95 11.44 9.97
C GLY A 20 12.79 10.31 10.96
N ILE A 21 13.36 9.14 10.67
CA ILE A 21 13.27 7.99 11.58
C ILE A 21 14.40 8.07 12.59
N PRO A 22 14.06 8.31 13.87
CA PRO A 22 15.07 8.45 14.94
C PRO A 22 15.96 7.21 15.09
N ASN A 23 17.24 7.43 15.37
CA ASN A 23 18.18 6.35 15.57
C ASN A 23 18.20 5.36 14.40
N PHE A 24 17.98 5.87 13.19
CA PHE A 24 18.04 5.04 12.00
C PHE A 24 19.42 5.17 11.37
N ASN A 25 20.40 4.50 11.97
CA ASN A 25 21.78 4.58 11.51
C ASN A 25 22.05 3.72 10.28
N GLU A 26 21.73 4.26 9.11
CA GLU A 26 21.95 3.55 7.85
C GLU A 26 22.19 4.53 6.70
N ASP A 27 22.78 4.04 5.62
CA ASP A 27 23.09 4.90 4.48
C ASP A 27 21.81 5.23 3.74
N ILE A 28 21.24 6.38 4.07
CA ILE A 28 19.92 6.75 3.61
C ILE A 28 19.76 6.71 2.10
N LYS A 29 20.79 7.12 1.37
CA LYS A 29 20.71 7.20 -0.08
C LYS A 29 20.57 5.82 -0.71
N TYR A 30 21.27 4.85 -0.16
CA TYR A 30 21.19 3.49 -0.71
C TYR A 30 19.88 2.80 -0.34
N VAL A 31 19.38 3.03 0.87
CA VAL A 31 18.08 2.50 1.27
C VAL A 31 16.98 3.10 0.38
N ALA A 32 17.03 4.41 0.17
CA ALA A 32 16.06 5.07 -0.73
C ALA A 32 16.11 4.47 -2.14
N GLU A 33 17.30 4.23 -2.67
CA GLU A 33 17.42 3.68 -4.01
C GLU A 33 16.85 2.26 -4.06
N TYR A 34 17.12 1.50 -3.02
CA TYR A 34 16.58 0.15 -2.91
C TYR A 34 15.05 0.15 -2.91
N ILE A 35 14.44 1.00 -2.09
CA ILE A 35 12.99 1.08 -2.03
C ILE A 35 12.41 1.48 -3.40
N VAL A 36 13.03 2.45 -4.05
CA VAL A 36 12.48 2.93 -5.32
C VAL A 36 12.59 1.86 -6.40
N LEU A 37 13.72 1.16 -6.43
CA LEU A 37 13.88 0.02 -7.36
C LEU A 37 12.83 -1.06 -7.13
N LEU A 38 12.59 -1.44 -5.87
CA LEU A 38 11.59 -2.48 -5.59
C LEU A 38 10.21 -2.05 -6.13
N ILE A 39 9.89 -0.77 -5.99
CA ILE A 39 8.60 -0.23 -6.44
C ILE A 39 8.51 -0.22 -7.97
N VAL A 40 9.53 0.33 -8.62
CA VAL A 40 9.65 0.31 -10.08
C VAL A 40 9.57 -1.11 -10.68
N ASN A 41 10.14 -2.09 -9.99
CA ASN A 41 10.10 -3.46 -10.48
C ASN A 41 8.81 -4.20 -10.14
N GLY A 42 7.79 -3.48 -9.67
CA GLY A 42 6.47 -4.07 -9.49
C GLY A 42 6.09 -4.47 -8.06
N GLY A 43 6.84 -3.98 -7.07
CA GLY A 43 6.57 -4.33 -5.68
C GLY A 43 5.27 -3.71 -5.17
N THR A 44 4.71 -4.28 -4.11
CA THR A 44 3.52 -3.74 -3.48
C THR A 44 3.89 -3.26 -2.12
N VAL A 45 2.98 -2.59 -1.41
CA VAL A 45 3.34 -2.09 -0.10
C VAL A 45 3.84 -3.27 0.73
N GLU A 46 3.14 -4.39 0.63
CA GLU A 46 3.48 -5.52 1.49
C GLU A 46 4.81 -6.17 1.11
N SER A 47 5.08 -6.38 -0.17
CA SER A 47 6.32 -7.06 -0.55
C SER A 47 7.51 -6.16 -0.23
N VAL A 48 7.35 -4.85 -0.37
CA VAL A 48 8.45 -3.94 -0.09
C VAL A 48 8.68 -3.87 1.42
N VAL A 49 7.61 -3.77 2.19
CA VAL A 49 7.73 -3.77 3.64
C VAL A 49 8.42 -5.04 4.12
N ASP A 50 8.00 -6.19 3.61
CA ASP A 50 8.57 -7.47 4.03
C ASP A 50 10.07 -7.55 3.71
N GLU A 51 10.47 -7.02 2.55
CA GLU A 51 11.88 -7.04 2.20
C GLU A 51 12.66 -6.12 3.13
N LEU A 52 12.11 -4.97 3.45
CA LEU A 52 12.75 -4.03 4.38
C LEU A 52 12.85 -4.59 5.79
N ALA A 53 11.86 -5.36 6.22
CA ALA A 53 11.80 -5.85 7.60
C ALA A 53 12.92 -6.84 7.87
N SER A 54 13.29 -7.58 6.83
CA SER A 54 14.33 -8.60 6.92
C SER A 54 15.70 -7.95 6.99
N LEU A 55 15.79 -6.77 6.40
CA LEU A 55 17.04 -6.02 6.34
C LEU A 55 17.24 -5.19 7.61
N PHE A 56 16.16 -4.59 8.11
CA PHE A 56 16.23 -3.62 9.20
C PHE A 56 15.34 -4.06 10.36
N ASP A 57 15.89 -4.95 11.19
CA ASP A 57 15.15 -5.59 12.27
C ASP A 57 14.80 -4.67 13.44
N SER A 58 15.52 -3.56 13.58
CA SER A 58 15.31 -2.66 14.72
C SER A 58 14.10 -1.74 14.54
N VAL A 59 13.69 -1.53 13.29
CA VAL A 59 12.58 -0.64 12.98
C VAL A 59 11.24 -1.40 13.00
N SER A 60 10.24 -0.83 13.63
CA SER A 60 8.93 -1.49 13.70
C SER A 60 8.31 -1.59 12.32
N ARG A 61 7.47 -2.60 12.13
CA ARG A 61 6.78 -2.80 10.88
C ARG A 61 5.93 -1.58 10.48
N ASP A 62 5.30 -0.94 11.46
CA ASP A 62 4.46 0.23 11.15
C ASP A 62 5.28 1.41 10.66
N THR A 63 6.48 1.57 11.19
CA THR A 63 7.37 2.62 10.72
C THR A 63 7.79 2.33 9.28
N LEU A 64 8.14 1.09 8.98
CA LEU A 64 8.59 0.74 7.63
C LEU A 64 7.44 0.91 6.63
N ALA A 65 6.26 0.42 7.01
CA ALA A 65 5.07 0.57 6.19
C ALA A 65 4.77 2.04 5.93
N ASN A 66 4.96 2.87 6.95
CA ASN A 66 4.79 4.30 6.78
C ASN A 66 5.73 4.86 5.70
N VAL A 67 6.98 4.43 5.68
CA VAL A 67 7.92 4.92 4.67
C VAL A 67 7.48 4.47 3.28
N VAL A 68 7.11 3.20 3.15
CA VAL A 68 6.78 2.66 1.83
C VAL A 68 5.49 3.29 1.30
N GLN A 69 4.51 3.47 2.18
CA GLN A 69 3.24 4.05 1.75
C GLN A 69 3.48 5.48 1.28
N THR A 70 4.36 6.19 1.99
CA THR A 70 4.73 7.54 1.55
C THR A 70 5.29 7.49 0.14
N ALA A 71 6.16 6.52 -0.15
CA ALA A 71 6.72 6.40 -1.50
C ALA A 71 5.64 6.22 -2.55
N PHE A 72 4.65 5.36 -2.29
CA PHE A 72 3.57 5.13 -3.26
C PHE A 72 2.68 6.37 -3.43
N PHE A 73 2.34 7.03 -2.32
CA PHE A 73 1.53 8.24 -2.40
C PHE A 73 2.28 9.34 -3.15
N ALA A 74 3.61 9.41 -2.95
CA ALA A 74 4.41 10.48 -3.58
C ALA A 74 4.52 10.24 -5.09
N LEU A 75 4.70 8.98 -5.49
CA LEU A 75 4.72 8.62 -6.90
C LEU A 75 3.40 9.06 -7.58
N GLU A 76 2.28 8.77 -6.95
CA GLU A 76 0.98 9.18 -7.48
C GLU A 76 0.87 10.72 -7.57
N ALA A 77 1.33 11.45 -6.56
CA ALA A 77 1.27 12.91 -6.62
C ALA A 77 2.14 13.47 -7.74
N LEU A 78 3.33 12.88 -7.94
CA LEU A 78 4.19 13.27 -9.06
C LEU A 78 3.51 13.04 -10.41
N GLN A 79 2.82 11.91 -10.55
CA GLN A 79 2.11 11.61 -11.78
C GLN A 79 0.93 12.57 -11.94
N GLN A 80 0.45 13.10 -10.83
CA GLN A 80 -0.65 14.08 -10.85
C GLN A 80 -0.14 15.51 -11.03
N GLY A 81 1.16 15.67 -11.25
CA GLY A 81 1.73 16.98 -11.53
C GLY A 81 2.26 17.78 -10.34
N GLU A 82 2.16 17.25 -9.13
CA GLU A 82 2.74 17.95 -7.98
C GLU A 82 4.26 17.96 -8.08
N SER A 83 4.89 19.08 -7.75
CA SER A 83 6.34 19.16 -7.84
C SER A 83 7.01 18.38 -6.70
N ALA A 84 8.18 17.81 -6.97
CA ALA A 84 8.89 17.07 -5.95
C ALA A 84 9.22 17.98 -4.77
N GLU A 85 9.51 19.25 -5.05
CA GLU A 85 9.88 20.18 -3.98
C GLU A 85 8.73 20.32 -2.98
N ASN A 86 7.51 20.42 -3.48
CA ASN A 86 6.35 20.55 -2.61
C ASN A 86 6.16 19.29 -1.76
N ILE A 87 6.37 18.12 -2.36
CA ILE A 87 6.24 16.87 -1.63
C ILE A 87 7.29 16.79 -0.51
N VAL A 88 8.53 17.12 -0.85
CA VAL A 88 9.60 17.17 0.15
C VAL A 88 9.23 18.11 1.30
N SER A 89 8.64 19.26 0.99
CA SER A 89 8.28 20.22 2.02
C SER A 89 7.26 19.62 2.99
N LYS A 90 6.30 18.86 2.49
CA LYS A 90 5.31 18.23 3.36
C LYS A 90 5.94 17.16 4.25
N ILE A 91 6.87 16.40 3.69
CA ILE A 91 7.57 15.38 4.46
C ILE A 91 8.44 16.02 5.55
N ARG A 92 9.10 17.13 5.24
CA ARG A 92 9.90 17.82 6.26
C ARG A 92 8.99 18.27 7.40
N MET A 93 7.81 18.75 7.04
CA MET A 93 6.83 19.19 8.03
C MET A 93 6.36 18.03 8.89
N MET A 94 6.06 16.88 8.28
CA MET A 94 5.67 15.70 9.06
C MET A 94 6.79 15.21 9.97
N ASN A 95 8.02 15.14 9.44
CA ASN A 95 9.17 14.75 10.24
C ASN A 95 9.38 15.64 11.47
N ALA A 96 9.25 16.95 11.29
CA ALA A 96 9.50 17.92 12.37
C ALA A 96 8.28 18.08 13.25
N GLN A 97 7.14 17.62 12.77
CA GLN A 97 5.88 17.78 13.48
C GLN A 97 5.57 19.26 13.78
N SER A 98 6.02 20.17 12.93
CA SER A 98 5.76 21.60 13.14
C SER A 98 5.41 22.36 11.86
N LEU A 99 4.47 23.29 11.99
CA LEU A 99 4.08 24.17 10.91
C LEU A 99 5.24 25.09 10.51
N GLY A 100 6.14 25.35 11.44
CA GLY A 100 7.24 26.27 11.19
C GLY A 100 8.29 25.68 10.26
N GLU B 4 -18.95 8.29 -3.42
CA GLU B 4 -19.22 8.54 -4.84
C GLU B 4 -19.56 7.23 -5.55
N GLN B 5 -19.84 7.33 -6.85
CA GLN B 5 -19.98 6.16 -7.72
C GLN B 5 -18.93 5.10 -7.41
N TYR B 6 -17.71 5.53 -7.11
CA TYR B 6 -16.61 4.61 -6.89
C TYR B 6 -16.93 3.66 -5.74
N THR B 7 -17.55 4.18 -4.69
CA THR B 7 -17.85 3.40 -3.49
C THR B 7 -18.64 2.13 -3.77
N GLU B 8 -19.72 2.25 -4.54
CA GLU B 8 -20.54 1.09 -4.85
C GLU B 8 -19.78 0.11 -5.74
N ASN B 9 -19.09 0.62 -6.74
CA ASN B 9 -18.31 -0.25 -7.60
C ASN B 9 -17.19 -0.92 -6.81
N LEU B 10 -16.59 -0.19 -5.88
CA LEU B 10 -15.45 -0.71 -5.15
C LEU B 10 -15.90 -1.87 -4.25
N LYS B 11 -17.13 -1.80 -3.72
CA LYS B 11 -17.65 -2.87 -2.86
C LYS B 11 -17.84 -4.18 -3.64
N VAL B 12 -18.29 -4.05 -4.89
CA VAL B 12 -18.48 -5.20 -5.75
C VAL B 12 -17.12 -5.83 -6.09
N ILE B 13 -16.15 -4.98 -6.39
CA ILE B 13 -14.83 -5.46 -6.76
C ILE B 13 -14.18 -6.18 -5.57
N VAL B 14 -14.32 -5.61 -4.38
CA VAL B 14 -13.68 -6.18 -3.21
C VAL B 14 -14.36 -7.51 -2.87
N ALA B 15 -15.68 -7.59 -3.05
CA ALA B 15 -16.41 -8.84 -2.80
C ALA B 15 -15.93 -9.95 -3.73
N GLU B 16 -15.70 -9.63 -5.00
CA GLU B 16 -15.18 -10.62 -5.95
C GLU B 16 -13.79 -11.11 -5.49
N LYS B 17 -12.96 -10.19 -5.04
CA LYS B 17 -11.63 -10.58 -4.53
C LYS B 17 -11.73 -11.46 -3.28
N LEU B 18 -12.64 -11.12 -2.38
CA LEU B 18 -12.83 -11.92 -1.15
C LEU B 18 -13.32 -13.33 -1.47
N ALA B 19 -14.10 -13.46 -2.54
CA ALA B 19 -14.67 -14.74 -2.96
C ALA B 19 -13.61 -15.74 -3.42
N GLY B 20 -12.37 -15.29 -3.57
CA GLY B 20 -11.29 -16.16 -4.01
C GLY B 20 -10.51 -16.75 -2.86
N ILE B 21 -10.80 -16.28 -1.64
CA ILE B 21 -10.13 -16.77 -0.44
C ILE B 21 -10.79 -18.09 -0.01
N PRO B 22 -10.02 -19.18 -0.10
CA PRO B 22 -10.56 -20.52 0.18
C PRO B 22 -11.00 -20.66 1.64
N ASN B 23 -12.17 -21.24 1.86
CA ASN B 23 -12.65 -21.52 3.20
C ASN B 23 -12.83 -20.25 4.04
N PHE B 24 -13.12 -19.14 3.37
CA PHE B 24 -13.34 -17.87 4.04
C PHE B 24 -14.83 -17.69 4.30
N ASN B 25 -15.26 -18.06 5.50
CA ASN B 25 -16.68 -18.09 5.82
C ASN B 25 -17.14 -16.90 6.65
N GLU B 26 -17.25 -15.75 5.99
CA GLU B 26 -17.84 -14.56 6.57
C GLU B 26 -18.81 -14.03 5.52
N ASP B 27 -19.74 -13.17 5.93
CA ASP B 27 -20.61 -12.53 4.96
C ASP B 27 -19.73 -11.60 4.13
N ILE B 28 -19.39 -12.05 2.93
CA ILE B 28 -18.50 -11.31 2.05
C ILE B 28 -18.95 -9.88 1.81
N LYS B 29 -20.26 -9.66 1.77
CA LYS B 29 -20.79 -8.32 1.49
C LYS B 29 -20.49 -7.35 2.62
N TYR B 30 -20.66 -7.79 3.85
CA TYR B 30 -20.33 -6.97 5.01
C TYR B 30 -18.83 -6.69 5.09
N VAL B 31 -18.01 -7.72 4.85
CA VAL B 31 -16.55 -7.53 4.88
C VAL B 31 -16.10 -6.50 3.83
N ALA B 32 -16.66 -6.58 2.63
CA ALA B 32 -16.31 -5.63 1.56
C ALA B 32 -16.71 -4.22 2.00
N GLU B 33 -17.91 -4.07 2.56
CA GLU B 33 -18.36 -2.74 2.96
C GLU B 33 -17.41 -2.16 4.01
N TYR B 34 -16.96 -3.01 4.92
CA TYR B 34 -16.08 -2.59 6.01
C TYR B 34 -14.73 -2.10 5.46
N ILE B 35 -14.15 -2.88 4.55
CA ILE B 35 -12.88 -2.52 3.94
C ILE B 35 -13.01 -1.20 3.18
N VAL B 36 -14.03 -1.08 2.35
CA VAL B 36 -14.23 0.15 1.59
C VAL B 36 -14.41 1.35 2.51
N LEU B 37 -15.20 1.21 3.56
CA LEU B 37 -15.36 2.30 4.54
C LEU B 37 -14.03 2.72 5.17
N LEU B 38 -13.20 1.75 5.51
CA LEU B 38 -11.89 2.05 6.10
C LEU B 38 -11.05 2.88 5.12
N ILE B 39 -11.14 2.54 3.84
CA ILE B 39 -10.37 3.23 2.81
C ILE B 39 -10.88 4.66 2.58
N VAL B 40 -12.20 4.80 2.50
CA VAL B 40 -12.82 6.11 2.30
C VAL B 40 -12.56 7.06 3.46
N ASN B 41 -12.40 6.52 4.67
CA ASN B 41 -12.10 7.34 5.84
C ASN B 41 -10.60 7.64 5.99
N GLY B 42 -9.83 7.40 4.94
CA GLY B 42 -8.42 7.76 4.92
C GLY B 42 -7.44 6.68 5.36
N GLY B 43 -7.87 5.42 5.34
CA GLY B 43 -7.00 4.33 5.74
C GLY B 43 -5.84 4.09 4.78
N THR B 44 -4.76 3.52 5.29
CA THR B 44 -3.61 3.17 4.46
C THR B 44 -3.60 1.67 4.33
N VAL B 45 -2.79 1.12 3.44
CA VAL B 45 -2.73 -0.33 3.32
C VAL B 45 -2.49 -0.92 4.70
N GLU B 46 -1.54 -0.35 5.41
CA GLU B 46 -1.14 -0.91 6.70
C GLU B 46 -2.26 -0.83 7.74
N SER B 47 -2.92 0.32 7.84
CA SER B 47 -3.92 0.47 8.89
C SER B 47 -5.11 -0.45 8.60
N VAL B 48 -5.46 -0.57 7.32
CA VAL B 48 -6.58 -1.43 6.94
C VAL B 48 -6.21 -2.89 7.18
N VAL B 49 -5.02 -3.28 6.75
CA VAL B 49 -4.55 -4.64 6.97
C VAL B 49 -4.53 -4.99 8.48
N ASP B 50 -4.05 -4.08 9.31
CA ASP B 50 -4.00 -4.30 10.77
C ASP B 50 -5.40 -4.47 11.36
N GLU B 51 -6.37 -3.67 10.91
CA GLU B 51 -7.75 -3.85 11.38
C GLU B 51 -8.26 -5.23 10.98
N LEU B 52 -8.02 -5.60 9.72
CA LEU B 52 -8.51 -6.88 9.22
C LEU B 52 -7.84 -8.04 9.93
N ALA B 53 -6.57 -7.85 10.27
CA ALA B 53 -5.75 -8.91 10.87
C ALA B 53 -6.22 -9.27 12.26
N SER B 54 -6.70 -8.28 13.01
CA SER B 54 -7.22 -8.57 14.34
C SER B 54 -8.56 -9.27 14.24
N LEU B 55 -9.34 -8.94 13.22
CA LEU B 55 -10.70 -9.47 13.07
C LEU B 55 -10.71 -10.89 12.49
N PHE B 56 -10.00 -11.11 11.39
CA PHE B 56 -10.00 -12.38 10.69
C PHE B 56 -8.64 -13.06 10.82
N ASP B 57 -8.31 -13.51 12.03
CA ASP B 57 -6.97 -13.99 12.26
C ASP B 57 -6.80 -15.48 11.92
N SER B 58 -7.76 -16.04 11.18
CA SER B 58 -7.60 -17.38 10.59
C SER B 58 -7.03 -17.26 9.19
N VAL B 59 -6.84 -16.03 8.74
CA VAL B 59 -6.29 -15.73 7.42
C VAL B 59 -4.95 -15.06 7.62
N SER B 60 -3.96 -15.40 6.79
CA SER B 60 -2.62 -14.85 6.94
C SER B 60 -2.58 -13.35 6.59
N ARG B 61 -1.62 -12.66 7.20
CA ARG B 61 -1.43 -11.25 6.93
C ARG B 61 -1.14 -11.00 5.44
N ASP B 62 -0.36 -11.86 4.82
CA ASP B 62 -0.03 -11.65 3.41
C ASP B 62 -1.27 -11.78 2.51
N THR B 63 -2.14 -12.74 2.80
CA THR B 63 -3.41 -12.84 2.06
C THR B 63 -4.32 -11.62 2.29
N LEU B 64 -4.46 -11.17 3.53
CA LEU B 64 -5.23 -9.97 3.81
C LEU B 64 -4.63 -8.75 3.09
N ALA B 65 -3.32 -8.61 3.13
CA ALA B 65 -2.66 -7.49 2.43
C ALA B 65 -2.94 -7.53 0.94
N ASN B 66 -2.96 -8.73 0.36
CA ASN B 66 -3.27 -8.87 -1.07
C ASN B 66 -4.67 -8.33 -1.40
N VAL B 67 -5.63 -8.63 -0.53
CA VAL B 67 -6.99 -8.12 -0.70
C VAL B 67 -7.00 -6.60 -0.63
N VAL B 68 -6.35 -6.04 0.40
CA VAL B 68 -6.38 -4.59 0.60
C VAL B 68 -5.67 -3.84 -0.51
N GLN B 69 -4.52 -4.37 -0.96
CA GLN B 69 -3.78 -3.78 -2.08
C GLN B 69 -4.61 -3.76 -3.36
N THR B 70 -5.35 -4.83 -3.59
CA THR B 70 -6.24 -4.92 -4.75
C THR B 70 -7.31 -3.82 -4.67
N ALA B 71 -7.86 -3.60 -3.48
CA ALA B 71 -8.82 -2.53 -3.27
C ALA B 71 -8.23 -1.17 -3.64
N PHE B 72 -7.02 -0.89 -3.18
CA PHE B 72 -6.37 0.39 -3.52
C PHE B 72 -6.09 0.53 -5.02
N PHE B 73 -5.59 -0.53 -5.65
CA PHE B 73 -5.31 -0.49 -7.10
C PHE B 73 -6.61 -0.37 -7.89
N ALA B 74 -7.68 -0.99 -7.41
CA ALA B 74 -8.97 -0.91 -8.10
C ALA B 74 -9.53 0.51 -8.01
N LEU B 75 -9.44 1.11 -6.82
CA LEU B 75 -9.85 2.51 -6.66
C LEU B 75 -9.11 3.43 -7.63
N GLU B 76 -7.78 3.29 -7.72
CA GLU B 76 -6.98 4.05 -8.70
C GLU B 76 -7.48 3.81 -10.14
N ALA B 77 -7.74 2.56 -10.49
CA ALA B 77 -8.22 2.26 -11.86
C ALA B 77 -9.59 2.92 -12.13
N LEU B 78 -10.51 2.83 -11.18
CA LEU B 78 -11.83 3.47 -11.34
C LEU B 78 -11.70 4.99 -11.50
N GLN B 79 -10.80 5.60 -10.73
CA GLN B 79 -10.57 7.04 -10.85
C GLN B 79 -9.92 7.40 -12.20
N GLN B 80 -9.18 6.46 -12.79
CA GLN B 80 -8.62 6.63 -14.13
C GLN B 80 -9.64 6.35 -15.25
N GLY B 81 -10.87 6.03 -14.88
CA GLY B 81 -11.92 5.85 -15.87
C GLY B 81 -12.11 4.41 -16.34
N GLU B 82 -11.43 3.46 -15.72
CA GLU B 82 -11.61 2.04 -16.06
C GLU B 82 -12.99 1.56 -15.61
N SER B 83 -13.58 0.66 -16.39
CA SER B 83 -14.92 0.17 -16.04
C SER B 83 -14.82 -0.85 -14.93
N ALA B 84 -15.80 -0.82 -14.03
CA ALA B 84 -15.88 -1.78 -12.94
C ALA B 84 -15.93 -3.20 -13.49
N GLU B 85 -16.63 -3.38 -14.61
CA GLU B 85 -16.78 -4.70 -15.23
C GLU B 85 -15.43 -5.30 -15.62
N ASN B 86 -14.57 -4.49 -16.23
CA ASN B 86 -13.24 -4.95 -16.62
C ASN B 86 -12.35 -5.30 -15.41
N ILE B 87 -12.44 -4.52 -14.33
CA ILE B 87 -11.65 -4.81 -13.14
C ILE B 87 -12.12 -6.15 -12.55
N VAL B 88 -13.42 -6.34 -12.48
CA VAL B 88 -13.99 -7.60 -12.01
C VAL B 88 -13.52 -8.81 -12.83
N SER B 89 -13.45 -8.66 -14.15
CA SER B 89 -12.95 -9.75 -14.99
C SER B 89 -11.51 -10.10 -14.64
N LYS B 90 -10.68 -9.08 -14.41
CA LYS B 90 -9.29 -9.32 -14.05
C LYS B 90 -9.16 -10.07 -12.74
N ILE B 91 -9.99 -9.71 -11.77
CA ILE B 91 -9.94 -10.34 -10.45
C ILE B 91 -10.41 -11.81 -10.53
N ARG B 92 -11.44 -12.07 -11.33
CA ARG B 92 -11.92 -13.45 -11.52
C ARG B 92 -10.85 -14.33 -12.16
N MET B 93 -10.07 -13.72 -13.05
CA MET B 93 -8.99 -14.42 -13.73
C MET B 93 -7.87 -14.76 -12.75
N MET B 94 -7.60 -13.83 -11.83
CA MET B 94 -6.57 -14.04 -10.83
C MET B 94 -7.01 -15.14 -9.86
N ASN B 95 -8.25 -15.04 -9.37
CA ASN B 95 -8.79 -16.04 -8.46
C ASN B 95 -8.73 -17.43 -9.05
N ALA B 96 -9.09 -17.52 -10.32
CA ALA B 96 -9.16 -18.80 -11.01
C ALA B 96 -7.78 -19.24 -11.47
N GLN B 97 -6.86 -18.29 -11.59
CA GLN B 97 -5.56 -18.57 -12.17
C GLN B 97 -5.72 -19.06 -13.61
N SER B 98 -6.82 -18.68 -14.25
CA SER B 98 -7.15 -19.22 -15.57
C SER B 98 -7.41 -18.13 -16.59
N LEU B 99 -6.83 -18.31 -17.78
CA LEU B 99 -7.08 -17.41 -18.89
C LEU B 99 -8.54 -17.52 -19.34
N GLY B 100 -9.08 -18.74 -19.28
CA GLY B 100 -10.45 -18.99 -19.68
C GLY B 100 -11.44 -18.01 -19.09
N THR C 4 28.37 -3.59 11.07
CA THR C 4 27.43 -3.01 10.13
C THR C 4 27.97 -3.11 8.70
N ALA C 5 29.26 -3.39 8.58
CA ALA C 5 29.90 -3.52 7.28
C ALA C 5 29.23 -4.61 6.46
N SER C 6 28.83 -5.69 7.14
CA SER C 6 28.19 -6.82 6.47
C SER C 6 26.82 -6.45 5.91
N LYS C 7 26.08 -5.64 6.67
CA LYS C 7 24.75 -5.24 6.27
C LYS C 7 24.77 -4.36 5.03
N MET C 8 25.78 -3.51 4.93
CA MET C 8 25.91 -2.60 3.81
C MET C 8 26.28 -3.35 2.54
N LYS C 9 27.11 -4.37 2.68
CA LYS C 9 27.47 -5.16 1.52
C LYS C 9 26.22 -5.87 1.00
N LEU C 10 25.38 -6.32 1.92
CA LEU C 10 24.15 -7.02 1.56
C LEU C 10 23.19 -6.12 0.80
N LEU C 11 23.08 -4.88 1.25
CA LEU C 11 22.18 -3.91 0.64
C LEU C 11 22.66 -3.56 -0.76
N LYS C 12 23.98 -3.46 -0.90
CA LYS C 12 24.58 -3.15 -2.19
C LYS C 12 24.32 -4.29 -3.16
N LYS C 13 24.49 -5.52 -2.68
CA LYS C 13 24.22 -6.70 -3.50
C LYS C 13 22.75 -6.71 -3.95
N LYS C 14 21.85 -6.41 -3.02
CA LYS C 14 20.42 -6.38 -3.32
C LYS C 14 20.02 -5.29 -4.30
N ILE C 15 20.66 -4.12 -4.20
CA ILE C 15 20.46 -3.05 -5.17
C ILE C 15 20.91 -3.49 -6.56
N GLU C 16 22.07 -4.13 -6.63
CA GLU C 16 22.58 -4.59 -7.91
C GLU C 16 21.62 -5.61 -8.53
N GLU C 17 21.07 -6.52 -7.71
CA GLU C 17 20.09 -7.49 -8.20
C GLU C 17 18.84 -6.80 -8.82
N GLN C 18 18.33 -5.77 -8.15
CA GLN C 18 17.17 -5.00 -8.64
C GLN C 18 17.49 -4.24 -9.93
N ARG C 19 18.68 -3.66 -10.03
CA ARG C 19 19.11 -3.02 -11.28
C ARG C 19 19.13 -4.00 -12.45
N GLU C 20 19.60 -5.22 -12.22
CA GLU C 20 19.61 -6.23 -13.28
C GLU C 20 18.19 -6.61 -13.69
N ILE C 21 17.30 -6.75 -12.71
CA ILE C 21 15.91 -7.05 -13.00
C ILE C 21 15.30 -5.95 -13.87
N LEU C 22 15.56 -4.69 -13.53
CA LEU C 22 15.02 -3.56 -14.28
C LEU C 22 15.54 -3.58 -15.71
N GLN C 23 16.82 -3.88 -15.87
CA GLN C 23 17.43 -3.97 -17.19
C GLN C 23 16.79 -5.09 -18.03
N LYS C 24 16.55 -6.23 -17.39
CA LYS C 24 15.95 -7.37 -18.08
C LYS C 24 14.56 -7.00 -18.58
N THR C 25 13.85 -6.21 -17.80
CA THR C 25 12.51 -5.77 -18.16
C THR C 25 12.52 -4.83 -19.36
N HIS C 26 13.50 -3.93 -19.40
CA HIS C 26 13.64 -2.98 -20.50
C HIS C 26 14.01 -3.64 -21.83
N HIS C 27 14.81 -4.69 -21.76
CA HIS C 27 15.26 -5.38 -22.97
C HIS C 27 14.08 -6.04 -23.69
N LYS C 28 13.13 -6.56 -22.92
CA LYS C 28 11.95 -7.22 -23.46
C LYS C 28 11.12 -6.26 -24.32
N LYS D 7 -18.64 -10.01 13.99
CA LYS D 7 -18.35 -11.07 13.05
C LYS D 7 -19.10 -12.33 13.48
N MET D 8 -20.38 -12.40 13.16
CA MET D 8 -21.07 -11.38 12.37
C MET D 8 -21.45 -10.12 13.15
N LYS D 9 -21.60 -10.23 14.47
CA LYS D 9 -22.04 -9.10 15.28
C LYS D 9 -20.99 -8.02 15.40
N LEU D 10 -19.76 -8.42 15.71
CA LEU D 10 -18.65 -7.47 15.83
C LEU D 10 -18.44 -6.68 14.53
N LEU D 11 -18.58 -7.36 13.39
CA LEU D 11 -18.36 -6.74 12.09
C LEU D 11 -19.41 -5.66 11.84
N LYS D 12 -20.66 -5.97 12.19
CA LYS D 12 -21.76 -5.02 12.08
C LYS D 12 -21.46 -3.75 12.86
N LYS D 13 -20.97 -3.91 14.09
CA LYS D 13 -20.64 -2.79 14.96
C LYS D 13 -19.50 -1.92 14.39
N LYS D 14 -18.46 -2.57 13.89
CA LYS D 14 -17.33 -1.87 13.29
C LYS D 14 -17.76 -1.04 12.07
N ILE D 15 -18.65 -1.61 11.26
CA ILE D 15 -19.22 -0.92 10.13
C ILE D 15 -19.97 0.34 10.58
N GLU D 16 -20.78 0.20 11.64
CA GLU D 16 -21.53 1.33 12.17
C GLU D 16 -20.58 2.42 12.67
N GLU D 17 -19.50 2.02 13.32
CA GLU D 17 -18.51 3.00 13.77
C GLU D 17 -17.90 3.76 12.59
N GLN D 18 -17.61 3.05 11.50
CA GLN D 18 -16.99 3.69 10.35
C GLN D 18 -17.97 4.61 9.64
N ARG D 19 -19.24 4.20 9.58
CA ARG D 19 -20.28 5.06 9.04
C ARG D 19 -20.39 6.35 9.86
N GLU D 20 -20.27 6.18 11.18
CA GLU D 20 -20.31 7.30 12.13
C GLU D 20 -19.16 8.28 11.83
N ILE D 21 -17.97 7.74 11.62
CA ILE D 21 -16.82 8.58 11.31
C ILE D 21 -17.04 9.33 10.01
N LEU D 22 -17.56 8.63 9.01
CA LEU D 22 -17.85 9.23 7.71
C LEU D 22 -18.96 10.28 7.86
N GLN D 23 -19.83 10.08 8.83
CA GLN D 23 -20.96 10.96 9.07
C GLN D 23 -20.50 12.34 9.56
N LYS D 24 -19.42 12.36 10.34
CA LYS D 24 -18.91 13.61 10.89
C LYS D 24 -18.38 14.52 9.80
N THR D 25 -17.88 13.93 8.72
CA THR D 25 -17.51 14.69 7.54
C THR D 25 -18.76 15.22 6.87
N HIS D 26 -19.84 14.44 6.97
CA HIS D 26 -21.14 14.80 6.42
C HIS D 26 -21.05 15.37 5.00
N HIS D 27 -20.20 14.77 4.18
CA HIS D 27 -20.06 15.19 2.79
C HIS D 27 -20.61 14.16 1.81
N LYS D 28 -21.10 13.04 2.33
CA LYS D 28 -21.46 11.91 1.47
C LYS D 28 -22.68 11.15 1.97
#